data_8PNA
#
_entry.id   8PNA
#
_cell.length_a   38.853
_cell.length_b   46.881
_cell.length_c   71.758
_cell.angle_alpha   90.000
_cell.angle_beta   90.000
_cell.angle_gamma   90.000
#
_symmetry.space_group_name_H-M   'P 21 21 21'
#
loop_
_entity.id
_entity.type
_entity.pdbx_description
1 polymer DNA
2 polymer 'BarH-like 2 homeobox protein'
3 polymer DNA
4 non-polymer 'ACETATE ION'
5 water water
#
loop_
_entity_poly.entity_id
_entity_poly.type
_entity_poly.pdbx_seq_one_letter_code
_entity_poly.pdbx_strand_id
1 'polydeoxyribonucleotide' (DC)(DG)(DC)(DT)(DA)(DA)(DT)(DG)(DG)(DG)(DT)(DT) B
2 'polypeptide(L)' VRAKKPRKARTAFSDHQLNQLERSFERQKYLSVQDRMDLAAALNLTDTQVKTWYQNRRTKWKRQTAV A
3 'polydeoxyribonucleotide' (DA)(DA)(DC)(DC)(DC)(DA)(DT)(DT)(DA)(DG)(DC)(DG) D
#
loop_
_chem_comp.id
_chem_comp.type
_chem_comp.name
_chem_comp.formula
ACT non-polymer 'ACETATE ION' 'C2 H3 O2 -1'
DA DNA linking 2'-DEOXYADENOSINE-5'-MONOPHOSPHATE 'C10 H14 N5 O6 P'
DC DNA linking 2'-DEOXYCYTIDINE-5'-MONOPHOSPHATE 'C9 H14 N3 O7 P'
DG DNA linking 2'-DEOXYGUANOSINE-5'-MONOPHOSPHATE 'C10 H14 N5 O7 P'
DT DNA linking THYMIDINE-5'-MONOPHOSPHATE 'C10 H15 N2 O8 P'
#
# COMPACT_ATOMS: atom_id res chain seq x y z
N VAL B 1 -14.82 -21.13 13.96
CA VAL B 1 -13.86 -20.88 12.82
C VAL B 1 -13.23 -19.48 12.95
N ARG B 2 -13.76 -18.59 13.79
CA ARG B 2 -13.27 -17.18 13.93
C ARG B 2 -11.91 -17.16 14.64
N ALA B 3 -10.98 -16.30 14.19
CA ALA B 3 -9.67 -16.07 14.84
C ALA B 3 -9.87 -15.72 16.32
N LYS B 4 -9.00 -16.21 17.22
CA LYS B 4 -8.96 -15.80 18.66
C LYS B 4 -8.32 -14.40 18.78
N LYS B 5 -7.31 -14.10 17.96
CA LYS B 5 -6.59 -12.80 17.94
C LYS B 5 -7.44 -11.78 17.19
N PRO B 6 -7.68 -10.58 17.77
CA PRO B 6 -8.34 -9.49 17.03
C PRO B 6 -7.57 -9.14 15.75
N ARG B 7 -8.28 -9.07 14.63
CA ARG B 7 -7.69 -8.57 13.37
C ARG B 7 -8.21 -7.13 13.17
N LYS B 8 -7.44 -6.34 12.46
CA LYS B 8 -7.87 -5.00 12.07
C LYS B 8 -8.97 -5.09 11.01
N ALA B 9 -9.90 -4.16 11.09
CA ALA B 9 -10.88 -3.94 10.02
C ALA B 9 -10.18 -3.77 8.69
N ARG B 10 -10.80 -4.24 7.61
CA ARG B 10 -10.22 -4.08 6.26
C ARG B 10 -10.42 -2.65 5.77
N THR B 11 -9.37 -1.89 5.55
CA THR B 11 -9.51 -0.51 5.01
C THR B 11 -10.06 -0.55 3.58
N ALA B 12 -11.00 0.32 3.28
CA ALA B 12 -11.52 0.59 1.92
C ALA B 12 -10.87 1.89 1.45
N PHE B 13 -9.94 1.78 0.50
CA PHE B 13 -9.25 2.98 -0.03
C PHE B 13 -10.17 3.71 -1.00
N SER B 14 -10.09 5.02 -0.96
CA SER B 14 -10.82 5.91 -1.89
C SER B 14 -10.17 5.81 -3.25
N ASP B 15 -10.88 6.24 -4.27
CA ASP B 15 -10.32 6.32 -5.63
C ASP B 15 -9.08 7.22 -5.59
N HIS B 16 -9.11 8.35 -4.88
CA HIS B 16 -7.98 9.31 -4.80
C HIS B 16 -6.78 8.60 -4.19
N GLN B 17 -7.00 7.83 -3.14
CA GLN B 17 -5.89 7.09 -2.46
C GLN B 17 -5.30 6.06 -3.43
N LEU B 18 -6.14 5.24 -4.06
CA LEU B 18 -5.61 4.19 -4.98
C LEU B 18 -4.87 4.84 -6.15
N ASN B 19 -5.40 5.93 -6.72
CA ASN B 19 -4.72 6.60 -7.86
C ASN B 19 -3.32 7.05 -7.43
N GLN B 20 -3.21 7.63 -6.25
CA GLN B 20 -1.90 8.17 -5.79
C GLN B 20 -0.97 7.01 -5.42
N LEU B 21 -1.49 5.97 -4.80
CA LEU B 21 -0.62 4.81 -4.43
C LEU B 21 -0.09 4.22 -5.75
N GLU B 22 -0.95 4.07 -6.75
CA GLU B 22 -0.52 3.46 -8.04
C GLU B 22 0.49 4.38 -8.73
N ARG B 23 0.30 5.70 -8.69
N ARG B 23 0.31 5.71 -8.68
CA ARG B 23 1.31 6.61 -9.28
CA ARG B 23 1.29 6.64 -9.30
C ARG B 23 2.64 6.47 -8.57
C ARG B 23 2.63 6.53 -8.56
N SER B 24 2.60 6.39 -7.24
CA SER B 24 3.84 6.25 -6.43
C SER B 24 4.55 4.95 -6.84
N PHE B 25 3.78 3.88 -7.02
CA PHE B 25 4.35 2.55 -7.27
C PHE B 25 5.00 2.52 -8.66
N GLU B 26 4.36 3.16 -9.63
CA GLU B 26 4.93 3.20 -11.01
C GLU B 26 6.28 3.89 -10.98
N ARG B 27 6.38 4.96 -10.19
CA ARG B 27 7.63 5.76 -10.06
C ARG B 27 8.66 4.94 -9.28
N GLN B 28 8.28 4.41 -8.12
CA GLN B 28 9.23 3.80 -7.17
C GLN B 28 8.62 2.55 -6.59
N LYS B 29 9.28 1.42 -6.79
CA LYS B 29 8.77 0.12 -6.32
C LYS B 29 9.02 -0.08 -4.82
N TYR B 30 10.02 0.61 -4.30
CA TYR B 30 10.33 0.65 -2.86
C TYR B 30 10.45 2.09 -2.43
N LEU B 31 9.96 2.39 -1.24
CA LEU B 31 10.00 3.76 -0.71
C LEU B 31 10.94 3.78 0.49
N SER B 32 11.66 4.88 0.63
CA SER B 32 12.38 5.22 1.89
C SER B 32 11.34 5.35 3.00
N VAL B 33 11.75 5.20 4.25
CA VAL B 33 10.85 5.41 5.42
C VAL B 33 10.22 6.81 5.29
N GLN B 34 10.99 7.83 4.90
CA GLN B 34 10.46 9.21 4.81
C GLN B 34 9.42 9.33 3.70
N ASP B 35 9.68 8.76 2.53
CA ASP B 35 8.78 8.86 1.35
C ASP B 35 7.49 8.12 1.70
N ARG B 36 7.59 7.00 2.42
CA ARG B 36 6.40 6.21 2.82
C ARG B 36 5.58 7.02 3.82
N MET B 37 6.22 7.52 4.88
N MET B 37 6.22 7.55 4.87
CA MET B 37 5.49 8.32 5.90
CA MET B 37 5.50 8.28 5.94
C MET B 37 4.83 9.52 5.24
C MET B 37 4.92 9.59 5.36
N ASP B 38 5.55 10.21 4.36
CA ASP B 38 5.03 11.43 3.68
C ASP B 38 3.78 11.07 2.86
N LEU B 39 3.80 9.95 2.16
CA LEU B 39 2.66 9.51 1.32
C LEU B 39 1.48 9.16 2.23
N ALA B 40 1.73 8.48 3.34
CA ALA B 40 0.68 8.16 4.34
C ALA B 40 0.06 9.45 4.82
N ALA B 41 0.87 10.45 5.19
CA ALA B 41 0.38 11.76 5.65
C ALA B 41 -0.48 12.43 4.57
N ALA B 42 -0.02 12.46 3.32
CA ALA B 42 -0.71 13.20 2.23
C ALA B 42 -2.08 12.57 2.00
N LEU B 43 -2.17 11.25 2.16
CA LEU B 43 -3.42 10.49 1.84
C LEU B 43 -4.28 10.26 3.09
N ASN B 44 -3.88 10.73 4.27
CA ASN B 44 -4.65 10.51 5.52
C ASN B 44 -4.80 9.00 5.71
N LEU B 45 -3.71 8.27 5.46
CA LEU B 45 -3.64 6.83 5.76
C LEU B 45 -2.62 6.60 6.85
N THR B 46 -2.67 5.43 7.48
CA THR B 46 -1.61 5.06 8.44
C THR B 46 -0.36 4.67 7.68
N ASP B 47 0.76 4.78 8.37
CA ASP B 47 2.08 4.31 7.85
C ASP B 47 1.98 2.82 7.49
N THR B 48 1.36 2.04 8.36
CA THR B 48 1.28 0.58 8.19
C THR B 48 0.40 0.30 6.96
N GLN B 49 -0.72 1.03 6.81
CA GLN B 49 -1.59 0.83 5.64
C GLN B 49 -0.80 1.07 4.36
N VAL B 50 0.00 2.10 4.30
CA VAL B 50 0.82 2.36 3.07
C VAL B 50 1.89 1.27 2.92
N LYS B 51 2.55 0.91 4.01
CA LYS B 51 3.63 -0.11 3.95
C LYS B 51 3.06 -1.41 3.38
N THR B 52 1.90 -1.77 3.90
CA THR B 52 1.25 -3.05 3.51
C THR B 52 0.72 -2.92 2.09
N TRP B 53 0.16 -1.76 1.74
CA TRP B 53 -0.29 -1.58 0.35
C TRP B 53 0.90 -1.81 -0.59
N TYR B 54 2.05 -1.19 -0.32
CA TYR B 54 3.29 -1.35 -1.14
C TYR B 54 3.64 -2.82 -1.20
N GLN B 55 3.64 -3.51 -0.07
CA GLN B 55 4.08 -4.92 -0.02
C GLN B 55 3.17 -5.78 -0.92
N ASN B 56 1.88 -5.61 -0.72
CA ASN B 56 0.92 -6.40 -1.50
C ASN B 56 0.94 -5.97 -2.96
N ARG B 57 1.28 -4.71 -3.24
CA ARG B 57 1.37 -4.27 -4.64
C ARG B 57 2.60 -4.93 -5.28
N ARG B 58 3.70 -5.07 -4.54
CA ARG B 58 4.91 -5.75 -5.07
C ARG B 58 4.55 -7.22 -5.34
N THR B 59 3.74 -7.87 -4.48
CA THR B 59 3.36 -9.27 -4.74
C THR B 59 2.67 -9.34 -6.09
N LYS B 60 1.69 -8.48 -6.27
CA LYS B 60 0.90 -8.47 -7.52
C LYS B 60 1.82 -8.21 -8.72
N TRP B 61 2.72 -7.24 -8.57
CA TRP B 61 3.68 -6.83 -9.61
C TRP B 61 4.57 -8.01 -9.98
N LYS B 62 5.05 -8.75 -8.99
CA LYS B 62 5.91 -9.91 -9.30
C LYS B 62 5.13 -10.98 -10.09
N ARG B 63 3.86 -11.19 -9.75
CA ARG B 63 3.01 -12.18 -10.46
C ARG B 63 2.83 -11.71 -11.92
N GLN B 64 2.63 -10.42 -12.18
N GLN B 64 2.62 -10.40 -12.10
CA GLN B 64 2.49 -9.96 -13.59
CA GLN B 64 2.50 -9.69 -13.41
C GLN B 64 3.84 -10.08 -14.31
C GLN B 64 3.77 -9.90 -14.26
N THR B 65 4.94 -9.76 -13.64
CA THR B 65 6.25 -9.88 -14.30
C THR B 65 6.48 -11.32 -14.81
N ALA B 66 5.96 -12.30 -14.06
CA ALA B 66 6.16 -13.73 -14.34
C ALA B 66 5.37 -14.18 -15.58
N VAL B 67 4.39 -13.37 -16.05
CA VAL B 67 3.75 -13.63 -17.37
C VAL B 67 4.11 -12.58 -18.42
C ACT D . -2.49 -9.40 -2.08
O ACT D . -2.82 -10.48 -1.57
OXT ACT D . -2.91 -8.31 -1.68
CH3 ACT D . -1.58 -9.44 -3.29
#